data_3RLS
#
_entry.id   3RLS
#
_cell.length_a   32.643
_cell.length_b   44.267
_cell.length_c   62.158
_cell.angle_alpha   71.78
_cell.angle_beta   89.86
_cell.angle_gamma   83.31
#
_symmetry.space_group_name_H-M   'P 1'
#
loop_
_entity.id
_entity.type
_entity.pdbx_description
1 polymer 'Protein AF-9 homolog'
2 water water
#
_entity_poly.entity_id   1
_entity_poly.type   'polypeptide(L)'
_entity_poly.pdbx_seq_one_letter_code
;IKTLSVSRPIIYGNTAKKMGSVKPPNAPAEHTHLWTIFVRGPQNEDISYFIKKVVFKLHDTYPNPVRSIEAPPFELTETG
WGEFDINIKVYFVEEANEKVLNFYHRLRLHPYANPVPNSDNGNEQNTTDHNSKDAEVSSVYFDEIVFNEPNEEFFKILMS
RPGNLLPSLERPHRD
;
_entity_poly.pdbx_strand_id   A,B
#
# COMPACT_ATOMS: atom_id res chain seq x y z
N ILE A 1 1.03 -19.22 26.36
CA ILE A 1 2.14 -18.34 25.82
C ILE A 1 2.50 -18.81 24.40
N LYS A 2 1.51 -18.74 23.53
CA LYS A 2 1.75 -19.00 22.12
C LYS A 2 2.08 -17.68 21.39
N THR A 3 1.21 -16.67 21.60
CA THR A 3 1.40 -15.32 21.04
C THR A 3 1.67 -14.31 22.20
N LEU A 4 2.53 -13.34 21.91
CA LEU A 4 2.92 -12.39 22.89
C LEU A 4 2.94 -11.04 22.17
N SER A 5 2.14 -10.07 22.67
CA SER A 5 2.11 -8.76 22.08
C SER A 5 3.21 -7.88 22.66
N VAL A 6 3.66 -6.90 21.89
CA VAL A 6 4.63 -5.94 22.37
C VAL A 6 4.47 -4.61 21.63
N SER A 7 4.73 -3.50 22.34
CA SER A 7 4.70 -2.21 21.71
C SER A 7 6.04 -1.51 21.72
N ARG A 8 6.22 -0.54 20.82
CA ARG A 8 7.43 0.30 20.81
C ARG A 8 7.00 1.77 20.69
N PRO A 9 7.57 2.64 21.49
CA PRO A 9 7.21 4.06 21.41
C PRO A 9 7.97 4.70 20.29
N ILE A 10 7.35 5.67 19.61
CA ILE A 10 8.04 6.46 18.58
C ILE A 10 7.64 7.88 18.70
N ILE A 11 8.41 8.76 18.10
CA ILE A 11 8.06 10.15 18.03
C ILE A 11 8.14 10.52 16.54
N TYR A 12 7.13 11.17 16.01
CA TYR A 12 7.17 11.62 14.65
C TYR A 12 6.79 13.09 14.54
N GLY A 13 7.20 13.73 13.46
CA GLY A 13 6.84 15.09 13.24
C GLY A 13 7.97 15.83 12.53
N ASN A 14 8.08 17.12 12.75
CA ASN A 14 9.10 17.91 12.11
C ASN A 14 9.64 19.05 12.99
N THR A 15 10.86 19.47 12.69
CA THR A 15 11.37 20.72 13.17
C THR A 15 11.51 21.64 11.95
N ALA A 16 11.65 22.93 12.21
CA ALA A 16 11.80 23.92 11.16
C ALA A 16 12.52 25.15 11.68
N LYS A 17 13.26 25.81 10.78
CA LYS A 17 13.96 27.05 11.08
C LYS A 17 13.85 27.97 9.85
N LYS A 18 13.82 29.27 10.11
CA LYS A 18 13.93 30.25 9.02
C LYS A 18 15.31 30.12 8.42
N MET A 19 15.39 30.22 7.10
CA MET A 19 16.68 30.09 6.40
C MET A 19 17.32 31.49 6.14
N GLY A 20 18.63 31.59 6.37
CA GLY A 20 19.36 32.88 6.17
C GLY A 20 20.16 32.86 4.86
N SER A 21 21.35 33.42 4.92
CA SER A 21 22.28 33.39 3.78
C SER A 21 22.98 32.05 3.65
N VAL A 22 23.10 31.35 4.77
CA VAL A 22 23.73 30.03 4.76
C VAL A 22 22.68 29.00 4.31
N LYS A 23 22.78 28.55 3.06
CA LYS A 23 21.95 27.50 2.56
C LYS A 23 22.63 26.76 1.46
N PRO A 24 22.12 25.63 1.06
CA PRO A 24 22.75 24.87 -0.03
C PRO A 24 22.84 25.69 -1.27
N PRO A 25 23.84 25.45 -2.12
CA PRO A 25 24.07 26.22 -3.35
C PRO A 25 22.85 26.21 -4.24
N ASN A 26 22.10 25.10 -4.25
CA ASN A 26 20.94 25.03 -5.12
C ASN A 26 19.59 25.17 -4.37
N ALA A 27 19.59 25.95 -3.28
CA ALA A 27 18.39 26.17 -2.50
C ALA A 27 17.40 26.90 -3.42
N PRO A 28 16.25 26.28 -3.71
CA PRO A 28 15.24 26.88 -4.55
C PRO A 28 14.95 28.31 -4.13
N ALA A 29 14.83 29.21 -5.12
CA ALA A 29 14.56 30.61 -4.80
C ALA A 29 13.13 30.69 -4.14
N GLU A 30 12.98 31.63 -3.22
CA GLU A 30 11.72 31.90 -2.56
C GLU A 30 11.44 30.92 -1.43
N HIS A 31 12.26 29.86 -1.29
CA HIS A 31 12.14 29.01 -0.13
C HIS A 31 12.64 29.77 1.09
N THR A 32 11.81 29.86 2.13
CA THR A 32 12.02 30.66 3.26
C THR A 32 12.49 29.85 4.51
N HIS A 33 12.17 28.57 4.55
CA HIS A 33 12.42 27.75 5.69
C HIS A 33 13.13 26.44 5.32
N LEU A 34 13.84 25.89 6.29
CA LEU A 34 14.27 24.49 6.20
C LEU A 34 13.45 23.72 7.20
N TRP A 35 13.26 22.45 6.90
CA TRP A 35 12.54 21.57 7.85
C TRP A 35 13.03 20.15 7.76
N THR A 36 12.97 19.45 8.90
CA THR A 36 13.35 18.06 8.99
C THR A 36 12.15 17.27 9.46
N ILE A 37 11.72 16.33 8.63
CA ILE A 37 10.62 15.45 8.96
C ILE A 37 11.25 14.13 9.40
N PHE A 38 10.68 13.50 10.42
CA PHE A 38 11.37 12.36 11.06
C PHE A 38 10.42 11.37 11.73
N VAL A 39 10.92 10.16 11.91
CA VAL A 39 10.44 9.18 12.87
C VAL A 39 11.61 8.74 13.76
N ARG A 40 11.49 8.99 15.06
CA ARG A 40 12.56 8.78 16.04
C ARG A 40 12.14 7.97 17.22
N GLY A 41 13.09 7.52 18.01
CA GLY A 41 12.81 6.89 19.27
C GLY A 41 12.90 7.87 20.40
N PRO A 42 12.32 7.56 21.51
CA PRO A 42 12.55 8.37 22.72
C PRO A 42 14.06 8.37 23.04
N GLN A 43 14.55 9.48 23.57
CA GLN A 43 15.97 9.61 23.83
C GLN A 43 16.84 9.38 22.57
N ASN A 44 16.21 9.50 21.38
CA ASN A 44 16.92 9.35 20.13
C ASN A 44 17.63 8.01 20.01
N GLU A 45 17.11 7.01 20.70
CA GLU A 45 17.53 5.63 20.49
C GLU A 45 17.40 5.27 19.00
N ASP A 46 18.33 4.50 18.49
CA ASP A 46 18.25 3.99 17.11
C ASP A 46 17.13 2.95 17.01
N ILE A 47 16.13 3.20 16.15
CA ILE A 47 14.93 2.37 16.13
C ILE A 47 14.93 1.43 14.91
N SER A 48 16.06 1.33 14.21
CA SER A 48 16.22 0.45 13.10
C SER A 48 16.17 -1.06 13.49
N TYR A 49 16.21 -1.36 14.78
CA TYR A 49 16.07 -2.75 15.21
C TYR A 49 14.65 -3.26 14.96
N PHE A 50 13.66 -2.37 14.90
CA PHE A 50 12.30 -2.78 14.50
C PHE A 50 11.76 -2.13 13.21
N ILE A 51 12.28 -0.95 12.85
CA ILE A 51 11.88 -0.27 11.63
C ILE A 51 12.88 -0.57 10.51
N LYS A 52 12.35 -1.08 9.40
CA LYS A 52 13.15 -1.40 8.24
C LYS A 52 13.38 -0.17 7.33
N LYS A 53 12.31 0.59 7.14
CA LYS A 53 12.36 1.80 6.29
C LYS A 53 11.18 2.70 6.57
N VAL A 54 11.35 4.00 6.32
CA VAL A 54 10.31 4.98 6.44
C VAL A 54 10.22 5.70 5.12
N VAL A 55 9.02 5.82 4.60
CA VAL A 55 8.79 6.45 3.29
C VAL A 55 7.94 7.68 3.49
N PHE A 56 8.47 8.86 3.16
CA PHE A 56 7.80 10.11 3.33
C PHE A 56 7.24 10.57 2.02
N LYS A 57 5.96 10.89 2.00
CA LYS A 57 5.32 11.42 0.73
C LYS A 57 5.08 12.89 0.87
N LEU A 58 5.85 13.67 0.14
CA LEU A 58 5.74 15.11 0.20
C LEU A 58 4.59 15.58 -0.74
N HIS A 59 4.36 16.89 -0.74
CA HIS A 59 3.45 17.52 -1.67
C HIS A 59 3.90 17.26 -3.10
N ASP A 60 2.97 17.13 -4.03
CA ASP A 60 3.34 16.75 -5.41
C ASP A 60 4.14 17.77 -6.19
N THR A 61 4.11 19.02 -5.71
CA THR A 61 4.98 20.05 -6.24
C THR A 61 6.46 19.86 -5.97
N TYR A 62 6.82 18.97 -5.04
CA TYR A 62 8.20 18.67 -4.79
C TYR A 62 8.67 17.64 -5.86
N PRO A 63 9.92 17.75 -6.29
CA PRO A 63 10.49 16.74 -7.18
C PRO A 63 10.55 15.41 -6.48
N ASN A 64 10.13 14.34 -7.15
CA ASN A 64 10.28 13.00 -6.60
C ASN A 64 9.71 12.93 -5.17
N PRO A 65 8.43 13.26 -5.01
CA PRO A 65 7.88 13.52 -3.65
C PRO A 65 7.82 12.29 -2.74
N VAL A 66 7.95 11.08 -3.30
CA VAL A 66 8.04 9.87 -2.49
C VAL A 66 9.51 9.62 -2.15
N ARG A 67 9.86 9.91 -0.91
CA ARG A 67 11.25 9.77 -0.44
C ARG A 67 11.39 8.58 0.53
N SER A 68 12.11 7.57 0.11
CA SER A 68 12.29 6.36 0.89
C SER A 68 13.62 6.39 1.65
N ILE A 69 13.56 6.30 2.99
CA ILE A 69 14.76 6.30 3.83
C ILE A 69 14.91 4.92 4.39
N GLU A 70 15.96 4.21 3.98
CA GLU A 70 16.06 2.77 4.24
C GLU A 70 17.17 2.42 5.23
N ALA A 71 17.73 3.44 5.88
CA ALA A 71 18.70 3.27 6.93
C ALA A 71 18.55 4.44 7.88
N PRO A 72 18.83 4.24 9.18
CA PRO A 72 18.70 5.28 10.17
C PRO A 72 19.78 6.34 10.02
N PRO A 73 19.50 7.58 10.48
CA PRO A 73 18.25 8.04 11.08
C PRO A 73 17.11 8.19 10.03
N PHE A 74 15.88 7.94 10.43
CA PHE A 74 14.75 7.98 9.53
C PHE A 74 14.18 9.38 9.47
N GLU A 75 14.84 10.19 8.65
CA GLU A 75 14.53 11.63 8.58
C GLU A 75 15.03 12.12 7.23
N LEU A 76 14.50 13.24 6.80
CA LEU A 76 15.02 13.97 5.69
C LEU A 76 14.80 15.46 5.91
N THR A 77 15.69 16.27 5.36
CA THR A 77 15.59 17.66 5.44
C THR A 77 15.24 18.21 4.07
N GLU A 78 14.28 19.14 4.05
CA GLU A 78 13.91 19.84 2.82
C GLU A 78 13.80 21.33 3.09
N THR A 79 13.49 22.10 2.05
CA THR A 79 13.22 23.51 2.19
C THR A 79 11.88 23.81 1.55
N GLY A 80 11.28 24.94 1.92
CA GLY A 80 10.03 25.34 1.32
C GLY A 80 9.54 26.63 1.84
N TRP A 81 8.32 27.01 1.48
CA TRP A 81 7.74 28.25 1.95
C TRP A 81 6.39 28.05 2.65
N GLY A 82 5.87 26.82 2.65
CA GLY A 82 4.53 26.60 3.17
C GLY A 82 4.30 25.24 3.79
N GLU A 83 3.13 25.10 4.42
CA GLU A 83 2.77 23.91 5.11
C GLU A 83 1.86 23.02 4.27
N PHE A 84 1.97 21.72 4.46
CA PHE A 84 1.19 20.71 3.78
C PHE A 84 1.26 19.42 4.56
N ASP A 85 0.39 18.47 4.23
CA ASP A 85 0.41 17.15 4.86
C ASP A 85 1.49 16.30 4.31
N ILE A 86 2.17 15.55 5.17
CA ILE A 86 3.08 14.50 4.72
C ILE A 86 2.58 13.16 5.19
N ASN A 87 2.49 12.20 4.28
CA ASN A 87 2.17 10.84 4.63
C ASN A 87 3.44 10.09 4.99
N ILE A 88 3.50 9.58 6.22
CA ILE A 88 4.65 8.81 6.70
C ILE A 88 4.29 7.34 6.72
N LYS A 89 4.97 6.53 5.95
CA LYS A 89 4.73 5.12 5.92
C LYS A 89 5.89 4.40 6.61
N VAL A 90 5.57 3.65 7.69
CA VAL A 90 6.59 2.92 8.46
C VAL A 90 6.54 1.43 8.17
N TYR A 91 7.64 0.87 7.71
CA TYR A 91 7.74 -0.53 7.39
C TYR A 91 8.59 -1.21 8.43
N PHE A 92 8.24 -2.44 8.80
CA PHE A 92 8.90 -3.14 9.92
C PHE A 92 9.82 -4.26 9.51
N VAL A 93 10.80 -4.57 10.33
CA VAL A 93 11.63 -5.74 10.07
C VAL A 93 10.75 -6.97 9.97
N GLU A 94 11.24 -7.97 9.21
CA GLU A 94 10.49 -9.17 8.92
C GLU A 94 9.93 -9.87 10.16
N GLU A 95 10.76 -9.93 11.19
CA GLU A 95 10.43 -10.66 12.40
C GLU A 95 9.27 -10.07 13.17
N ALA A 96 8.93 -8.83 12.88
CA ALA A 96 7.82 -8.22 13.54
C ALA A 96 6.49 -8.74 13.05
N ASN A 97 6.48 -9.26 11.81
CA ASN A 97 5.29 -9.80 11.21
C ASN A 97 4.17 -8.78 11.27
N GLU A 98 4.48 -7.55 10.81
CA GLU A 98 3.58 -6.43 10.86
C GLU A 98 3.62 -5.68 9.53
N LYS A 99 2.46 -5.38 8.98
CA LYS A 99 2.35 -4.65 7.71
C LYS A 99 2.60 -3.18 7.94
N VAL A 100 2.70 -2.42 6.84
CA VAL A 100 3.00 -1.02 6.88
C VAL A 100 2.02 -0.27 7.75
N LEU A 101 2.52 0.73 8.52
CA LEU A 101 1.73 1.58 9.35
C LEU A 101 1.82 3.02 8.81
N ASN A 102 0.68 3.68 8.66
CA ASN A 102 0.59 5.03 8.17
C ASN A 102 0.38 6.05 9.26
N PHE A 103 1.12 7.16 9.20
CA PHE A 103 0.83 8.33 9.95
C PHE A 103 0.66 9.51 8.96
N TYR A 104 -0.10 10.53 9.34
CA TYR A 104 -0.21 11.75 8.59
C TYR A 104 0.19 12.88 9.50
N HIS A 105 1.12 13.72 9.02
CA HIS A 105 1.58 14.85 9.78
C HIS A 105 1.45 16.16 8.99
N ARG A 106 1.03 17.22 9.63
CA ARG A 106 1.00 18.53 9.03
C ARG A 106 2.30 19.25 9.33
N LEU A 107 3.06 19.54 8.28
CA LEU A 107 4.28 20.31 8.45
C LEU A 107 4.00 21.62 9.17
N ARG A 108 4.84 21.97 10.14
CA ARG A 108 4.77 23.19 10.86
C ARG A 108 6.05 24.02 10.61
N LEU A 109 5.89 25.25 10.11
CA LEU A 109 7.02 26.14 9.89
C LEU A 109 7.18 27.24 10.92
N HIS A 110 6.08 27.63 11.51
CA HIS A 110 6.03 28.67 12.54
C HIS A 110 5.59 28.07 13.88
N PRO A 111 5.74 28.83 14.97
CA PRO A 111 6.32 30.18 15.05
C PRO A 111 7.83 30.28 14.72
N ALA A 135 15.74 30.26 16.45
CA ALA A 135 14.31 30.11 16.76
C ALA A 135 13.73 28.87 15.99
N GLU A 136 14.20 27.68 16.37
CA GLU A 136 13.70 26.42 15.83
C GLU A 136 12.30 26.07 16.39
N VAL A 137 11.38 25.65 15.51
CA VAL A 137 10.08 25.21 15.92
C VAL A 137 10.05 23.69 15.86
N SER A 138 9.24 23.08 16.73
CA SER A 138 9.10 21.62 16.80
C SER A 138 7.67 21.20 16.92
N SER A 139 7.20 20.35 16.00
CA SER A 139 5.89 19.81 16.04
C SER A 139 6.05 18.31 16.04
N VAL A 140 5.92 17.72 17.21
CA VAL A 140 6.24 16.33 17.37
C VAL A 140 5.11 15.59 18.11
N TYR A 141 4.85 14.36 17.67
CA TYR A 141 3.76 13.56 18.18
C TYR A 141 4.29 12.22 18.67
N PHE A 142 3.79 11.83 19.81
CA PHE A 142 4.19 10.57 20.44
CA PHE A 142 4.18 10.58 20.45
C PHE A 142 3.12 9.54 20.21
N ASP A 143 3.56 8.35 19.73
CA ASP A 143 2.67 7.27 19.48
C ASP A 143 3.41 5.95 19.83
N GLU A 144 2.71 4.85 19.70
CA GLU A 144 3.23 3.52 20.02
C GLU A 144 2.77 2.61 18.97
N ILE A 145 3.69 1.83 18.42
CA ILE A 145 3.40 0.84 17.44
C ILE A 145 3.19 -0.49 18.16
N VAL A 146 2.09 -1.19 17.89
CA VAL A 146 1.83 -2.47 18.54
C VAL A 146 2.05 -3.61 17.58
N PHE A 147 2.78 -4.63 18.00
CA PHE A 147 3.00 -5.82 17.30
C PHE A 147 2.25 -6.91 18.01
N ASN A 148 1.10 -7.34 17.46
CA ASN A 148 0.31 -8.36 18.11
C ASN A 148 0.74 -9.76 17.90
N GLU A 149 1.49 -10.04 16.84
CA GLU A 149 1.90 -11.41 16.55
CA GLU A 149 1.88 -11.40 16.51
C GLU A 149 3.29 -11.49 15.96
N PRO A 150 4.27 -10.89 16.66
CA PRO A 150 5.65 -11.00 16.19
C PRO A 150 6.24 -12.41 16.31
N ASN A 151 7.27 -12.70 15.54
CA ASN A 151 7.98 -13.98 15.63
C ASN A 151 8.72 -14.01 16.94
N GLU A 152 9.00 -15.21 17.44
CA GLU A 152 9.84 -15.37 18.56
C GLU A 152 11.16 -14.65 18.43
N GLU A 153 11.75 -14.70 17.23
CA GLU A 153 13.02 -14.05 16.97
C GLU A 153 12.96 -12.51 17.18
N PHE A 154 11.79 -11.93 17.06
CA PHE A 154 11.63 -10.50 17.31
C PHE A 154 12.08 -10.13 18.72
N PHE A 155 11.77 -10.98 19.71
CA PHE A 155 12.15 -10.64 21.07
C PHE A 155 13.67 -10.74 21.28
N LYS A 156 14.33 -11.64 20.54
CA LYS A 156 15.79 -11.69 20.63
C LYS A 156 16.42 -10.40 20.07
N ILE A 157 15.88 -9.94 18.95
CA ILE A 157 16.32 -8.67 18.34
C ILE A 157 16.11 -7.56 19.33
N LEU A 158 14.90 -7.49 19.87
CA LEU A 158 14.61 -6.41 20.86
C LEU A 158 15.51 -6.42 22.08
N MET A 159 15.77 -7.58 22.63
CA MET A 159 16.47 -7.68 23.90
CA MET A 159 16.48 -7.67 23.90
C MET A 159 18.00 -7.59 23.73
N SER A 160 18.48 -7.87 22.53
CA SER A 160 19.89 -7.75 22.28
C SER A 160 20.33 -6.39 21.73
N ARG A 161 19.39 -5.48 21.51
CA ARG A 161 19.71 -4.14 21.05
C ARG A 161 20.67 -3.46 22.06
N PRO A 162 21.52 -2.56 21.59
CA PRO A 162 22.53 -1.98 22.49
C PRO A 162 21.93 -1.38 23.75
N GLY A 163 22.61 -1.53 24.86
CA GLY A 163 22.33 -0.78 26.04
C GLY A 163 21.85 -1.57 27.23
N ASN A 164 21.71 -2.88 27.07
CA ASN A 164 21.29 -3.74 28.22
C ASN A 164 22.31 -3.66 29.35
N LEU A 165 21.82 -3.52 30.57
CA LEU A 165 22.71 -3.52 31.72
C LEU A 165 22.54 -4.77 32.59
N LEU A 166 21.44 -5.51 32.42
CA LEU A 166 21.08 -6.58 33.37
C LEU A 166 21.72 -7.94 33.04
N PRO A 167 21.95 -8.78 34.07
CA PRO A 167 22.48 -10.14 33.83
C PRO A 167 21.48 -11.00 33.11
N SER A 168 21.98 -11.98 32.36
CA SER A 168 21.13 -12.95 31.73
C SER A 168 21.41 -14.31 32.33
N LEU A 169 22.10 -14.38 33.47
CA LEU A 169 22.30 -15.61 34.17
C LEU A 169 22.36 -15.33 35.71
N GLU A 170 22.25 -16.38 36.53
CA GLU A 170 22.41 -16.29 37.96
C GLU A 170 23.90 -16.02 38.29
N ARG A 171 24.21 -14.74 38.56
CA ARG A 171 25.60 -14.27 38.73
C ARG A 171 25.87 -14.25 40.20
N PRO A 172 26.72 -15.17 40.71
CA PRO A 172 27.06 -15.27 42.14
C PRO A 172 27.56 -13.93 42.68
N HIS A 173 27.29 -13.64 43.93
CA HIS A 173 27.58 -12.29 44.46
C HIS A 173 27.75 -12.28 45.97
N ARG A 174 28.57 -11.37 46.48
CA ARG A 174 28.81 -11.34 47.91
C ARG A 174 27.74 -10.52 48.59
N ASP A 175 27.45 -10.88 49.85
CA ASP A 175 26.50 -10.12 50.72
C ASP A 175 26.92 -8.63 50.89
N LEU B 4 9.98 6.35 -16.44
CA LEU B 4 9.20 7.56 -16.82
C LEU B 4 7.72 7.19 -17.14
N SER B 5 7.54 6.08 -17.84
CA SER B 5 6.20 5.57 -18.02
C SER B 5 6.20 4.08 -18.18
N VAL B 6 5.43 3.40 -17.32
CA VAL B 6 5.36 1.95 -17.35
C VAL B 6 3.97 1.49 -17.76
N SER B 7 3.91 0.48 -18.63
CA SER B 7 2.65 -0.10 -19.05
C SER B 7 2.58 -1.51 -18.52
N ARG B 8 1.45 -1.83 -17.86
CA ARG B 8 1.24 -3.19 -17.36
C ARG B 8 -0.02 -3.77 -18.01
N PRO B 9 0.16 -4.79 -18.88
CA PRO B 9 -1.00 -5.38 -19.57
C PRO B 9 -1.91 -6.13 -18.65
N ILE B 10 -3.19 -6.07 -18.95
CA ILE B 10 -4.21 -6.70 -18.19
C ILE B 10 -5.28 -7.20 -19.17
N ILE B 11 -6.03 -8.23 -18.78
CA ILE B 11 -7.22 -8.64 -19.53
C ILE B 11 -8.39 -8.51 -18.61
N TYR B 12 -9.49 -8.02 -19.10
CA TYR B 12 -10.72 -7.96 -18.31
C TYR B 12 -11.88 -8.35 -19.16
N GLY B 13 -12.96 -8.75 -18.52
CA GLY B 13 -14.14 -9.13 -19.24
C GLY B 13 -14.94 -10.22 -18.55
N ASN B 14 -15.66 -11.02 -19.32
CA ASN B 14 -16.51 -12.06 -18.71
C ASN B 14 -16.57 -13.30 -19.55
N THR B 15 -16.82 -14.42 -18.89
CA THR B 15 -17.26 -15.64 -19.51
C THR B 15 -18.67 -15.88 -19.10
N ALA B 16 -19.38 -16.78 -19.80
CA ALA B 16 -20.74 -17.13 -19.45
C ALA B 16 -21.09 -18.50 -19.97
N LYS B 17 -22.07 -19.12 -19.31
CA LYS B 17 -22.55 -20.48 -19.71
C LYS B 17 -24.03 -20.61 -19.41
N LYS B 18 -24.76 -21.22 -20.32
CA LYS B 18 -26.17 -21.49 -20.13
C LYS B 18 -26.33 -22.48 -18.97
N MET B 19 -27.25 -22.22 -18.06
CA MET B 19 -27.38 -22.90 -16.75
C MET B 19 -28.01 -24.32 -16.79
N GLY B 20 -29.01 -24.53 -17.66
CA GLY B 20 -29.71 -25.81 -17.67
C GLY B 20 -30.62 -26.02 -16.44
N SER B 21 -30.99 -27.30 -16.21
CA SER B 21 -31.84 -27.63 -15.05
C SER B 21 -31.17 -27.53 -13.69
N VAL B 22 -29.84 -27.60 -13.66
CA VAL B 22 -29.13 -27.49 -12.40
C VAL B 22 -28.82 -26.06 -12.12
N LYS B 23 -29.34 -25.56 -11.02
CA LYS B 23 -29.27 -24.20 -10.72
C LYS B 23 -28.62 -23.94 -9.38
N PRO B 24 -27.83 -22.90 -9.28
CA PRO B 24 -27.23 -22.55 -7.97
C PRO B 24 -28.30 -22.36 -6.92
N PRO B 25 -28.00 -22.68 -5.66
CA PRO B 25 -28.90 -22.38 -4.53
C PRO B 25 -29.39 -20.91 -4.54
N ASN B 26 -30.68 -20.75 -4.50
CA ASN B 26 -31.28 -19.44 -4.38
C ASN B 26 -31.05 -18.51 -5.57
N ALA B 27 -30.61 -19.06 -6.69
CA ALA B 27 -30.60 -18.24 -7.93
C ALA B 27 -32.07 -17.92 -8.32
N PRO B 28 -32.32 -16.67 -8.66
CA PRO B 28 -33.65 -16.25 -9.20
C PRO B 28 -34.05 -17.19 -10.30
N ALA B 29 -35.32 -17.61 -10.33
CA ALA B 29 -35.80 -18.55 -11.30
C ALA B 29 -35.65 -18.12 -12.74
N GLU B 30 -35.71 -16.83 -12.98
CA GLU B 30 -35.62 -16.32 -14.33
C GLU B 30 -34.21 -16.37 -14.92
N HIS B 31 -33.22 -16.47 -14.07
CA HIS B 31 -31.85 -16.52 -14.55
C HIS B 31 -31.57 -17.69 -15.41
N THR B 32 -30.88 -17.48 -16.55
CA THR B 32 -30.63 -18.47 -17.52
C THR B 32 -29.14 -18.89 -17.63
N HIS B 33 -28.26 -18.08 -17.11
CA HIS B 33 -26.82 -18.22 -17.34
C HIS B 33 -26.07 -18.05 -16.06
N LEU B 34 -24.91 -18.67 -16.00
CA LEU B 34 -23.88 -18.30 -15.05
C LEU B 34 -22.85 -17.45 -15.81
N TRP B 35 -22.22 -16.50 -15.09
CA TRP B 35 -21.20 -15.70 -15.71
C TRP B 35 -20.13 -15.37 -14.66
N THR B 36 -18.91 -15.12 -15.12
CA THR B 36 -17.82 -14.72 -14.30
C THR B 36 -17.24 -13.42 -14.86
N ILE B 37 -17.17 -12.38 -14.05
CA ILE B 37 -16.53 -11.13 -14.48
C ILE B 37 -15.17 -11.10 -13.80
N PHE B 38 -14.14 -10.61 -14.51
CA PHE B 38 -12.77 -10.74 -14.02
C PHE B 38 -11.82 -9.65 -14.48
N VAL B 39 -10.75 -9.47 -13.74
CA VAL B 39 -9.55 -8.77 -14.14
C VAL B 39 -8.39 -9.77 -13.88
N ARG B 40 -7.64 -10.07 -14.95
CA ARG B 40 -6.56 -11.05 -14.89
C ARG B 40 -5.31 -10.55 -15.62
N GLY B 41 -4.19 -11.17 -15.36
CA GLY B 41 -3.03 -10.97 -16.21
C GLY B 41 -3.22 -11.72 -17.49
N PRO B 42 -2.45 -11.40 -18.53
CA PRO B 42 -2.61 -12.08 -19.82
C PRO B 42 -2.40 -13.55 -19.79
N GLN B 43 -1.66 -14.05 -18.81
CA GLN B 43 -1.41 -15.51 -18.71
C GLN B 43 -2.04 -16.02 -17.43
N ASN B 44 -3.00 -15.25 -16.90
CA ASN B 44 -3.62 -15.51 -15.59
C ASN B 44 -2.57 -15.72 -14.51
N GLU B 45 -1.50 -14.92 -14.58
CA GLU B 45 -0.46 -14.87 -13.58
C GLU B 45 -0.82 -13.98 -12.43
N ASP B 46 -0.01 -13.95 -11.39
CA ASP B 46 -0.29 -13.06 -10.26
C ASP B 46 -0.28 -11.61 -10.72
N ILE B 47 -1.33 -10.89 -10.30
CA ILE B 47 -1.39 -9.44 -10.46
C ILE B 47 -1.59 -8.76 -9.13
N SER B 48 -1.70 -9.53 -8.06
CA SER B 48 -1.88 -8.97 -6.73
C SER B 48 -0.65 -8.22 -6.25
N TYR B 49 0.51 -8.48 -6.87
CA TYR B 49 1.71 -7.72 -6.51
C TYR B 49 1.55 -6.23 -6.78
N PHE B 50 0.66 -5.82 -7.70
CA PHE B 50 0.44 -4.43 -7.95
C PHE B 50 -1.02 -3.97 -7.80
N ILE B 51 -1.95 -4.92 -7.79
CA ILE B 51 -3.37 -4.63 -7.56
C ILE B 51 -3.79 -5.12 -6.20
N LYS B 52 -4.37 -4.23 -5.41
CA LYS B 52 -4.79 -4.50 -4.06
C LYS B 52 -6.19 -5.06 -3.98
N LYS B 53 -7.10 -4.50 -4.78
CA LYS B 53 -8.45 -5.03 -4.80
C LYS B 53 -9.16 -4.57 -6.08
N VAL B 54 -10.20 -5.30 -6.44
CA VAL B 54 -11.08 -4.93 -7.60
C VAL B 54 -12.48 -4.92 -7.08
N VAL B 55 -13.19 -3.84 -7.37
CA VAL B 55 -14.58 -3.70 -7.00
C VAL B 55 -15.44 -3.77 -8.26
N PHE B 56 -16.39 -4.70 -8.27
CA PHE B 56 -17.31 -4.88 -9.38
C PHE B 56 -18.67 -4.30 -8.99
N LYS B 57 -19.07 -3.22 -9.67
CA LYS B 57 -20.41 -2.62 -9.38
C LYS B 57 -21.42 -3.17 -10.36
N LEU B 58 -22.28 -4.02 -9.87
CA LEU B 58 -23.30 -4.68 -10.69
C LEU B 58 -24.53 -3.79 -10.85
N HIS B 59 -25.43 -4.19 -11.74
CA HIS B 59 -26.72 -3.47 -11.86
C HIS B 59 -27.36 -3.45 -10.50
N ASP B 60 -28.01 -2.33 -10.16
CA ASP B 60 -28.51 -2.18 -8.82
C ASP B 60 -29.67 -3.09 -8.43
N THR B 61 -30.18 -3.91 -9.35
CA THR B 61 -31.16 -4.92 -9.02
C THR B 61 -30.57 -6.11 -8.29
N TYR B 62 -29.25 -6.29 -8.41
CA TYR B 62 -28.60 -7.37 -7.74
C TYR B 62 -28.44 -6.98 -6.27
N PRO B 63 -28.48 -7.98 -5.38
CA PRO B 63 -28.22 -7.76 -3.98
C PRO B 63 -26.79 -7.26 -3.77
N ASN B 64 -26.60 -6.29 -2.89
CA ASN B 64 -25.29 -5.77 -2.50
C ASN B 64 -24.46 -5.57 -3.78
N PRO B 65 -24.92 -4.67 -4.68
CA PRO B 65 -24.38 -4.63 -6.05
C PRO B 65 -22.92 -4.18 -6.08
N VAL B 66 -22.40 -3.57 -5.00
CA VAL B 66 -20.99 -3.15 -4.97
C VAL B 66 -20.17 -4.29 -4.37
N ARG B 67 -19.57 -5.13 -5.21
CA ARG B 67 -18.91 -6.34 -4.80
C ARG B 67 -17.38 -6.12 -4.78
N SER B 68 -16.80 -6.10 -3.58
CA SER B 68 -15.42 -5.78 -3.38
C SER B 68 -14.60 -7.04 -3.21
N ILE B 69 -13.71 -7.32 -4.17
CA ILE B 69 -12.90 -8.52 -4.14
C ILE B 69 -11.49 -8.14 -3.73
N GLU B 70 -11.12 -8.52 -2.51
CA GLU B 70 -9.94 -7.96 -1.88
C GLU B 70 -8.76 -8.93 -1.79
N ALA B 71 -8.86 -10.02 -2.49
CA ALA B 71 -7.71 -10.94 -2.69
C ALA B 71 -7.92 -11.65 -3.95
N PRO B 72 -6.84 -12.10 -4.62
CA PRO B 72 -7.01 -12.87 -5.82
C PRO B 72 -7.71 -14.16 -5.60
N PRO B 73 -8.46 -14.69 -6.61
CA PRO B 73 -8.60 -14.15 -7.95
C PRO B 73 -9.56 -12.95 -7.94
N PHE B 74 -9.27 -11.95 -8.80
CA PHE B 74 -10.08 -10.74 -8.81
C PHE B 74 -11.23 -10.97 -9.81
N GLU B 75 -12.23 -11.67 -9.34
CA GLU B 75 -13.32 -12.13 -10.19
C GLU B 75 -14.50 -12.44 -9.30
N LEU B 76 -15.65 -12.62 -9.95
CA LEU B 76 -16.87 -12.90 -9.25
C LEU B 76 -17.77 -13.69 -10.17
N THR B 77 -18.41 -14.75 -9.69
CA THR B 77 -19.32 -15.54 -10.43
C THR B 77 -20.74 -15.30 -9.95
N GLU B 78 -21.67 -15.13 -10.88
CA GLU B 78 -23.07 -14.81 -10.55
C GLU B 78 -23.96 -15.47 -11.57
N THR B 79 -25.26 -15.31 -11.38
CA THR B 79 -26.21 -15.75 -12.39
C THR B 79 -26.96 -14.54 -12.96
N GLY B 80 -27.57 -14.74 -14.12
CA GLY B 80 -28.29 -13.67 -14.79
C GLY B 80 -29.09 -14.13 -15.97
N TRP B 81 -29.84 -13.23 -16.55
CA TRP B 81 -30.47 -13.51 -17.83
C TRP B 81 -30.43 -12.34 -18.84
N GLY B 82 -29.85 -11.25 -18.45
CA GLY B 82 -29.69 -10.09 -19.36
C GLY B 82 -28.32 -9.48 -19.31
N GLU B 83 -27.97 -8.81 -20.39
CA GLU B 83 -26.70 -8.14 -20.50
C GLU B 83 -26.82 -6.78 -19.90
N PHE B 84 -25.82 -6.33 -19.16
CA PHE B 84 -25.78 -5.03 -18.53
C PHE B 84 -24.37 -4.59 -18.29
N ASP B 85 -24.16 -3.30 -18.05
CA ASP B 85 -22.81 -2.78 -17.80
C ASP B 85 -22.36 -3.06 -16.37
N ILE B 86 -21.13 -3.47 -16.23
CA ILE B 86 -20.45 -3.57 -14.92
C ILE B 86 -19.32 -2.56 -14.88
N ASN B 87 -19.29 -1.72 -13.85
CA ASN B 87 -18.21 -0.83 -13.60
C ASN B 87 -17.17 -1.56 -12.74
N ILE B 88 -15.98 -1.72 -13.32
CA ILE B 88 -14.84 -2.38 -12.68
C ILE B 88 -13.94 -1.29 -12.18
N LYS B 89 -13.67 -1.29 -10.87
CA LYS B 89 -12.76 -0.32 -10.26
C LYS B 89 -11.50 -1.03 -9.74
N VAL B 90 -10.35 -0.71 -10.27
CA VAL B 90 -9.11 -1.35 -9.91
C VAL B 90 -8.31 -0.44 -8.97
N TYR B 91 -8.02 -0.94 -7.79
CA TYR B 91 -7.26 -0.27 -6.78
C TYR B 91 -5.86 -0.88 -6.73
N PHE B 92 -4.86 -0.03 -6.79
CA PHE B 92 -3.48 -0.47 -6.75
C PHE B 92 -2.90 -0.53 -5.33
N VAL B 93 -1.82 -1.28 -5.20
CA VAL B 93 -1.13 -1.39 -3.92
C VAL B 93 -0.77 0.00 -3.38
N GLU B 94 -0.70 0.09 -2.04
CA GLU B 94 -0.60 1.39 -1.41
C GLU B 94 0.69 2.10 -1.81
N GLU B 95 1.75 1.33 -2.08
CA GLU B 95 3.02 1.92 -2.49
C GLU B 95 2.94 2.80 -3.70
N ALA B 96 1.94 2.53 -4.58
CA ALA B 96 1.83 3.25 -5.84
C ALA B 96 1.34 4.69 -5.69
N ASN B 97 0.56 4.97 -4.67
CA ASN B 97 -0.14 6.25 -4.51
C ASN B 97 -0.86 6.64 -5.80
N GLU B 98 -1.50 5.67 -6.42
CA GLU B 98 -2.11 5.81 -7.73
C GLU B 98 -3.59 5.89 -7.59
N LYS B 99 -4.24 6.56 -8.55
CA LYS B 99 -5.72 6.71 -8.44
C LYS B 99 -6.41 5.41 -8.90
N VAL B 100 -7.64 5.24 -8.50
CA VAL B 100 -8.47 4.10 -8.92
C VAL B 100 -8.73 4.21 -10.41
N LEU B 101 -8.61 3.07 -11.10
CA LEU B 101 -8.86 3.02 -12.54
C LEU B 101 -10.18 2.37 -12.81
N ASN B 102 -11.01 3.03 -13.64
CA ASN B 102 -12.35 2.54 -14.04
C ASN B 102 -12.34 1.90 -15.38
N PHE B 103 -12.91 0.72 -15.44
CA PHE B 103 -13.33 0.15 -16.75
C PHE B 103 -14.87 0.00 -16.70
N TYR B 104 -15.51 0.10 -17.85
CA TYR B 104 -16.92 -0.34 -17.97
C TYR B 104 -17.00 -1.46 -18.99
N HIS B 105 -17.62 -2.54 -18.57
CA HIS B 105 -17.71 -3.73 -19.42
C HIS B 105 -19.18 -4.14 -19.52
N ARG B 106 -19.60 -4.36 -20.77
CA ARG B 106 -20.91 -4.92 -21.03
C ARG B 106 -20.87 -6.43 -20.92
N LEU B 107 -21.55 -6.95 -19.92
CA LEU B 107 -21.66 -8.41 -19.72
C LEU B 107 -22.29 -9.06 -20.92
N ARG B 108 -21.64 -10.09 -21.47
CA ARG B 108 -22.20 -10.80 -22.56
C ARG B 108 -22.60 -12.20 -22.18
N LEU B 109 -23.81 -12.59 -22.52
CA LEU B 109 -24.31 -13.92 -22.18
C LEU B 109 -24.53 -14.75 -23.41
N HIS B 110 -24.99 -14.11 -24.46
CA HIS B 110 -25.36 -14.84 -25.66
C HIS B 110 -24.35 -14.54 -26.73
N PRO B 111 -24.23 -15.44 -27.71
CA PRO B 111 -23.51 -15.09 -28.95
C PRO B 111 -24.50 -14.22 -29.79
N TYR B 112 -24.10 -13.06 -30.36
CA TYR B 112 -22.84 -12.34 -30.17
C TYR B 112 -21.58 -13.15 -30.55
N ALA B 135 -23.89 -20.39 -23.29
CA ALA B 135 -22.88 -21.44 -23.21
C ALA B 135 -22.19 -21.57 -24.57
N GLU B 136 -20.85 -21.70 -24.64
CA GLU B 136 -19.84 -21.00 -23.82
C GLU B 136 -19.37 -19.75 -24.54
N VAL B 137 -19.58 -18.67 -23.82
CA VAL B 137 -19.50 -17.31 -24.35
C VAL B 137 -18.38 -16.59 -23.60
N SER B 138 -17.67 -15.72 -24.32
CA SER B 138 -16.56 -14.95 -23.71
C SER B 138 -16.53 -13.56 -24.35
N SER B 139 -16.18 -12.59 -23.55
CA SER B 139 -16.00 -11.22 -24.10
C SER B 139 -14.90 -10.64 -23.29
N VAL B 140 -13.75 -10.53 -23.88
CA VAL B 140 -12.54 -10.18 -23.18
C VAL B 140 -11.74 -9.09 -23.91
N TYR B 141 -11.13 -8.22 -23.16
CA TYR B 141 -10.42 -7.07 -23.65
CA TYR B 141 -10.42 -7.03 -23.67
C TYR B 141 -9.01 -7.02 -23.09
N PHE B 142 -8.03 -6.78 -23.90
CA PHE B 142 -6.66 -6.56 -23.48
C PHE B 142 -6.41 -5.05 -23.39
N ASP B 143 -5.78 -4.60 -22.31
CA ASP B 143 -5.52 -3.21 -22.08
C ASP B 143 -4.16 -3.06 -21.42
N GLU B 144 -3.49 -1.93 -21.58
CA GLU B 144 -2.28 -1.67 -20.88
C GLU B 144 -2.60 -0.59 -19.82
N ILE B 145 -2.40 -0.91 -18.57
CA ILE B 145 -2.54 0.08 -17.49
C ILE B 145 -1.29 0.93 -17.51
N VAL B 146 -1.44 2.26 -17.59
CA VAL B 146 -0.36 3.15 -17.71
C VAL B 146 -0.06 3.88 -16.35
N PHE B 147 1.12 3.66 -15.82
CA PHE B 147 1.60 4.35 -14.66
C PHE B 147 2.65 5.40 -15.11
N ASN B 148 2.28 6.65 -14.96
CA ASN B 148 3.19 7.77 -15.33
C ASN B 148 4.09 8.15 -14.16
N GLU B 149 5.38 8.15 -14.43
CA GLU B 149 6.40 8.54 -13.41
C GLU B 149 6.17 7.81 -12.09
N PRO B 150 6.20 6.48 -12.14
CA PRO B 150 5.99 5.69 -10.91
C PRO B 150 7.08 6.09 -9.90
N ASN B 151 6.75 6.09 -8.63
CA ASN B 151 7.77 6.39 -7.61
C ASN B 151 8.73 5.21 -7.49
N GLU B 152 9.87 5.39 -6.83
CA GLU B 152 10.89 4.35 -6.83
C GLU B 152 10.45 3.10 -6.07
N GLU B 153 9.56 3.29 -5.12
CA GLU B 153 9.11 2.20 -4.30
C GLU B 153 8.18 1.31 -5.12
N PHE B 154 7.28 1.94 -5.84
CA PHE B 154 6.35 1.20 -6.73
C PHE B 154 7.07 0.61 -7.92
N PHE B 155 8.07 1.31 -8.48
CA PHE B 155 8.87 0.77 -9.52
C PHE B 155 9.57 -0.51 -9.16
N LYS B 156 10.16 -0.58 -7.96
CA LYS B 156 10.79 -1.81 -7.54
C LYS B 156 9.73 -2.93 -7.46
N ILE B 157 8.55 -2.59 -6.98
CA ILE B 157 7.43 -3.57 -6.94
C ILE B 157 7.06 -4.08 -8.33
N LEU B 158 6.98 -3.16 -9.28
CA LEU B 158 6.71 -3.54 -10.68
C LEU B 158 7.80 -4.41 -11.27
N MET B 159 9.03 -4.34 -10.74
CA MET B 159 10.11 -5.27 -11.17
C MET B 159 10.16 -6.62 -10.49
N SER B 160 9.37 -6.80 -9.42
CA SER B 160 9.48 -7.97 -8.58
C SER B 160 8.86 -9.21 -9.17
N ARG B 161 7.87 -9.05 -10.07
CA ARG B 161 7.14 -10.17 -10.61
C ARG B 161 6.93 -9.89 -12.10
N PRO B 162 6.70 -10.94 -12.91
CA PRO B 162 6.56 -10.77 -14.34
C PRO B 162 5.39 -9.91 -14.74
N GLY B 163 5.58 -9.07 -15.72
CA GLY B 163 4.56 -8.18 -16.21
C GLY B 163 4.45 -8.08 -17.70
N ASN B 164 5.50 -8.40 -18.41
CA ASN B 164 5.51 -8.35 -19.87
C ASN B 164 5.24 -9.70 -20.42
N LEU B 165 3.99 -10.15 -20.32
CA LEU B 165 3.66 -11.51 -20.71
C LEU B 165 2.57 -11.58 -21.82
N LEU B 166 2.83 -12.38 -22.84
CA LEU B 166 1.89 -12.46 -23.96
C LEU B 166 0.67 -13.26 -23.60
N PRO B 167 -0.51 -12.86 -24.10
CA PRO B 167 -1.78 -13.52 -23.79
C PRO B 167 -1.78 -15.00 -24.09
N SER B 168 -2.34 -15.80 -23.18
CA SER B 168 -2.31 -17.24 -23.40
C SER B 168 -2.93 -17.71 -24.78
N LEU B 169 -4.14 -17.22 -25.06
CA LEU B 169 -4.94 -17.61 -26.26
C LEU B 169 -4.85 -19.09 -26.68
#